data_4NI1
#
_entry.id   4NI1
#
_cell.length_a   53.120
_cell.length_b   53.120
_cell.length_c   192.100
_cell.angle_alpha   90.00
_cell.angle_beta   90.00
_cell.angle_gamma   90.00
#
_symmetry.space_group_name_H-M   'P 41 21 2'
#
loop_
_entity.id
_entity.type
_entity.pdbx_description
1 polymer 'Hemoglobin subunit alpha'
2 polymer 'Hemoglobin subunit beta'
3 non-polymer 'CARBON MONOXIDE'
4 non-polymer 'PROTOPORPHYRIN IX CONTAINING FE'
5 non-polymer 5-[(2R)-2,3-dihydro-1,4-benzodioxin-2-yl]-2,4-dihydro-3H-1,2,4-triazole-3-thione
6 non-polymer TOLUENE
7 water water
#
loop_
_entity_poly.entity_id
_entity_poly.type
_entity_poly.pdbx_seq_one_letter_code
_entity_poly.pdbx_strand_id
1 'polypeptide(L)'
;VLSPADKTNVKAAWGKVGAHAGEYGAEALERMFLSFPTTKTYFPHFDLSHGSAQVKGHGKKVADALTNAVAHVDDMPNAL
SALSDLHAHKLRVDPVNFKLLSHCLLVTLAAHLPAEFTPAVHASLDKFLASVSTVLTSKYR
;
A
2 'polypeptide(L)'
;VHLTPEEKSAVTALWGKVNVDEVGGEALGRLLVVYPWTQRFFESFGDLSTPDAVMGNPKVKAHGKKVLGAFSDGLAHLDN
LKGTFATLSELHCDKLHVDPENFRLLGNVLVCVLAHHFGKEFTPPVQAAYQKVVAGVANALAHKYH
;
B
#
loop_
_chem_comp.id
_chem_comp.type
_chem_comp.name
_chem_comp.formula
2JX non-polymer 5-[(2R)-2,3-dihydro-1,4-benzodioxin-2-yl]-2,4-dihydro-3H-1,2,4-triazole-3-thione 'C10 H9 N3 O2 S'
CMO non-polymer 'CARBON MONOXIDE' 'C O'
HEM non-polymer 'PROTOPORPHYRIN IX CONTAINING FE' 'C34 H32 Fe N4 O4'
MBN non-polymer TOLUENE 'C7 H8'
#
# COMPACT_ATOMS: atom_id res chain seq x y z
N VAL A 1 -11.54 15.75 -4.39
CA VAL A 1 -12.41 14.85 -3.59
C VAL A 1 -13.33 14.05 -4.53
N LEU A 2 -12.73 13.02 -5.13
CA LEU A 2 -13.37 12.14 -6.09
C LEU A 2 -13.87 12.89 -7.30
N SER A 3 -12.90 13.54 -7.93
CA SER A 3 -13.08 14.31 -9.12
C SER A 3 -13.47 13.38 -10.26
N PRO A 4 -13.95 13.94 -11.37
CA PRO A 4 -14.36 13.15 -12.54
C PRO A 4 -13.20 12.26 -13.04
N ALA A 5 -11.97 12.76 -12.95
CA ALA A 5 -10.83 11.96 -13.42
C ALA A 5 -10.66 10.71 -12.56
N ASP A 6 -10.82 10.85 -11.26
CA ASP A 6 -10.68 9.71 -10.38
C ASP A 6 -11.80 8.68 -10.62
N LYS A 7 -13.03 9.15 -10.79
CA LYS A 7 -14.16 8.27 -11.05
C LYS A 7 -13.89 7.45 -12.30
N THR A 8 -13.41 8.11 -13.36
CA THR A 8 -13.07 7.46 -14.62
C THR A 8 -12.02 6.36 -14.40
N ASN A 9 -11.01 6.68 -13.59
CA ASN A 9 -9.95 5.73 -13.28
C ASN A 9 -10.45 4.54 -12.45
N VAL A 10 -11.25 4.80 -11.43
CA VAL A 10 -11.75 3.73 -10.58
C VAL A 10 -12.74 2.84 -11.38
N LYS A 11 -13.53 3.45 -12.26
CA LYS A 11 -14.46 2.71 -13.10
C LYS A 11 -13.69 1.84 -14.11
N ALA A 12 -12.54 2.31 -14.58
CA ALA A 12 -11.74 1.51 -15.50
C ALA A 12 -11.15 0.29 -14.79
N ALA A 13 -10.61 0.48 -13.58
CA ALA A 13 -10.02 -0.63 -12.81
C ALA A 13 -11.12 -1.66 -12.49
N TRP A 14 -12.29 -1.16 -12.06
CA TRP A 14 -13.42 -2.02 -11.73
C TRP A 14 -13.75 -2.94 -12.92
N GLY A 15 -13.76 -2.36 -14.12
CA GLY A 15 -14.08 -3.10 -15.33
C GLY A 15 -13.11 -4.23 -15.59
N LYS A 16 -11.82 -3.93 -15.54
CA LYS A 16 -10.78 -4.95 -15.77
C LYS A 16 -10.85 -6.09 -14.77
N VAL A 17 -11.04 -5.74 -13.49
CA VAL A 17 -11.20 -6.73 -12.42
C VAL A 17 -12.38 -7.66 -12.76
N GLY A 18 -13.50 -7.04 -13.12
CA GLY A 18 -14.69 -7.78 -13.49
C GLY A 18 -15.12 -8.81 -12.49
N ALA A 19 -15.48 -9.98 -13.02
CA ALA A 19 -15.97 -11.10 -12.21
C ALA A 19 -14.99 -11.65 -11.17
N HIS A 20 -13.74 -11.21 -11.21
CA HIS A 20 -12.74 -11.67 -10.24
C HIS A 20 -12.78 -10.84 -8.94
N ALA A 21 -13.57 -9.78 -8.90
CA ALA A 21 -13.62 -8.92 -7.71
C ALA A 21 -13.71 -9.64 -6.35
N GLY A 22 -14.63 -10.59 -6.21
CA GLY A 22 -14.74 -11.31 -4.95
C GLY A 22 -13.50 -12.11 -4.57
N GLU A 23 -12.90 -12.76 -5.56
CA GLU A 23 -11.69 -13.53 -5.37
C GLU A 23 -10.54 -12.62 -4.96
N TYR A 24 -10.51 -11.43 -5.57
CA TYR A 24 -9.45 -10.46 -5.26
C TYR A 24 -9.71 -9.91 -3.83
N GLY A 25 -10.98 -9.83 -3.48
CA GLY A 25 -11.37 -9.34 -2.16
C GLY A 25 -10.91 -10.33 -1.10
N ALA A 26 -11.00 -11.61 -1.44
CA ALA A 26 -10.62 -12.69 -0.54
C ALA A 26 -9.12 -12.63 -0.40
N GLU A 27 -8.44 -12.42 -1.51
CA GLU A 27 -6.98 -12.34 -1.53
C GLU A 27 -6.46 -11.15 -0.69
N ALA A 28 -7.14 -10.02 -0.76
CA ALA A 28 -6.71 -8.86 0.00
C ALA A 28 -6.82 -9.15 1.51
N LEU A 29 -7.91 -9.79 1.91
CA LEU A 29 -8.12 -10.16 3.31
C LEU A 29 -6.96 -11.07 3.72
N GLU A 30 -6.64 -12.08 2.90
CA GLU A 30 -5.53 -12.95 3.28
C GLU A 30 -4.23 -12.16 3.40
N ARG A 31 -3.99 -11.26 2.44
CA ARG A 31 -2.79 -10.44 2.48
C ARG A 31 -2.73 -9.66 3.81
N MET A 32 -3.88 -9.13 4.23
CA MET A 32 -3.97 -8.33 5.47
C MET A 32 -3.70 -9.19 6.70
N PHE A 33 -4.36 -10.36 6.76
CA PHE A 33 -4.17 -11.26 7.89
C PHE A 33 -2.72 -11.73 8.03
N LEU A 34 -2.04 -11.94 6.91
CA LEU A 34 -0.67 -12.41 6.94
C LEU A 34 0.31 -11.29 7.22
N SER A 35 0.06 -10.13 6.63
CA SER A 35 0.98 -9.01 6.80
C SER A 35 0.78 -8.27 8.09
N PHE A 36 -0.46 -8.16 8.55
CA PHE A 36 -0.79 -7.43 9.78
C PHE A 36 -1.62 -8.34 10.71
N PRO A 37 -0.94 -9.24 11.43
CA PRO A 37 -1.60 -10.18 12.34
C PRO A 37 -2.57 -9.60 13.36
N THR A 38 -2.38 -8.34 13.75
CA THR A 38 -3.28 -7.74 14.72
C THR A 38 -4.71 -7.74 14.19
N THR A 39 -4.84 -7.62 12.87
CA THR A 39 -6.18 -7.60 12.29
C THR A 39 -6.90 -8.93 12.48
N LYS A 40 -6.15 -10.01 12.71
CA LYS A 40 -6.77 -11.33 12.87
C LYS A 40 -7.69 -11.42 14.07
N THR A 41 -7.45 -10.58 15.08
CA THR A 41 -8.28 -10.62 16.30
C THR A 41 -9.70 -10.20 16.08
N TYR A 42 -10.02 -9.70 14.89
CA TYR A 42 -11.41 -9.34 14.65
C TYR A 42 -12.18 -10.52 14.06
N PHE A 43 -11.45 -11.56 13.69
CA PHE A 43 -12.08 -12.72 13.07
C PHE A 43 -11.67 -13.98 13.82
N PRO A 44 -11.90 -14.00 15.14
CA PRO A 44 -11.56 -15.12 16.02
C PRO A 44 -12.21 -16.45 15.57
N HIS A 45 -13.46 -16.35 15.14
CA HIS A 45 -14.26 -17.49 14.71
C HIS A 45 -14.07 -17.92 13.25
N PHE A 46 -13.28 -17.16 12.49
CA PHE A 46 -13.03 -17.50 11.09
C PHE A 46 -11.81 -18.42 11.04
N ASP A 47 -11.77 -19.29 10.05
CA ASP A 47 -10.58 -20.07 9.86
C ASP A 47 -9.84 -19.22 8.82
N LEU A 48 -8.61 -18.79 9.11
CA LEU A 48 -7.91 -17.94 8.16
C LEU A 48 -6.85 -18.60 7.27
N SER A 49 -6.83 -19.91 7.22
CA SER A 49 -5.86 -20.59 6.39
C SER A 49 -6.21 -20.38 4.91
N HIS A 50 -5.24 -20.64 4.06
CA HIS A 50 -5.44 -20.51 2.63
C HIS A 50 -6.56 -21.46 2.13
N GLY A 51 -7.39 -20.97 1.20
CA GLY A 51 -8.48 -21.76 0.65
C GLY A 51 -9.70 -21.75 1.56
N SER A 52 -9.60 -21.06 2.69
CA SER A 52 -10.72 -20.99 3.60
C SER A 52 -11.99 -20.43 2.97
N ALA A 53 -13.05 -21.24 2.98
CA ALA A 53 -14.29 -20.78 2.40
C ALA A 53 -14.84 -19.57 3.14
N GLN A 54 -14.52 -19.45 4.42
CA GLN A 54 -15.03 -18.31 5.18
C GLN A 54 -14.39 -17.03 4.67
N VAL A 55 -13.08 -17.08 4.41
CA VAL A 55 -12.42 -15.91 3.87
C VAL A 55 -12.92 -15.67 2.43
N LYS A 56 -13.16 -16.74 1.68
CA LYS A 56 -13.66 -16.53 0.33
C LYS A 56 -15.03 -15.86 0.38
N GLY A 57 -15.93 -16.35 1.21
CA GLY A 57 -17.23 -15.72 1.29
C GLY A 57 -17.15 -14.27 1.78
N HIS A 58 -16.25 -13.97 2.70
CA HIS A 58 -16.18 -12.60 3.18
C HIS A 58 -15.57 -11.68 2.15
N GLY A 59 -14.61 -12.18 1.38
CA GLY A 59 -13.99 -11.40 0.32
C GLY A 59 -15.05 -10.90 -0.65
N LYS A 60 -16.01 -11.77 -0.93
CA LYS A 60 -17.10 -11.42 -1.83
C LYS A 60 -17.95 -10.33 -1.20
N LYS A 61 -18.22 -10.42 0.11
CA LYS A 61 -19.01 -9.37 0.77
C LYS A 61 -18.26 -8.03 0.70
N VAL A 62 -16.96 -8.04 0.99
CA VAL A 62 -16.12 -6.81 0.94
C VAL A 62 -16.15 -6.20 -0.50
N ALA A 63 -15.89 -7.03 -1.51
CA ALA A 63 -15.93 -6.60 -2.92
C ALA A 63 -17.30 -6.02 -3.27
N ASP A 64 -18.37 -6.70 -2.87
CA ASP A 64 -19.72 -6.21 -3.11
C ASP A 64 -19.97 -4.84 -2.46
N ALA A 65 -19.43 -4.63 -1.26
CA ALA A 65 -19.57 -3.34 -0.57
C ALA A 65 -18.85 -2.24 -1.35
N LEU A 66 -17.64 -2.57 -1.81
CA LEU A 66 -16.81 -1.61 -2.54
C LEU A 66 -17.42 -1.24 -3.88
N THR A 67 -18.12 -2.20 -4.51
CA THR A 67 -18.78 -1.95 -5.79
C THR A 67 -20.02 -1.10 -5.58
N ASN A 68 -20.75 -1.37 -4.50
CA ASN A 68 -21.93 -0.56 -4.20
C ASN A 68 -21.48 0.89 -3.93
N ALA A 69 -20.28 1.06 -3.37
CA ALA A 69 -19.74 2.39 -3.06
C ALA A 69 -19.43 3.13 -4.34
N VAL A 70 -18.74 2.48 -5.28
CA VAL A 70 -18.41 3.17 -6.52
C VAL A 70 -19.69 3.38 -7.32
N ALA A 71 -20.66 2.46 -7.19
CA ALA A 71 -21.91 2.60 -7.93
C ALA A 71 -22.73 3.80 -7.45
N HIS A 72 -22.49 4.25 -6.22
CA HIS A 72 -23.21 5.40 -5.65
C HIS A 72 -22.16 6.36 -5.06
N VAL A 73 -21.09 6.53 -5.81
CA VAL A 73 -19.94 7.30 -5.39
C VAL A 73 -20.26 8.73 -4.95
N ASP A 74 -21.30 9.31 -5.51
CA ASP A 74 -21.65 10.66 -5.16
C ASP A 74 -22.46 10.73 -3.89
N ASP A 75 -22.75 9.56 -3.33
CA ASP A 75 -23.46 9.51 -2.05
C ASP A 75 -23.01 8.35 -1.20
N MET A 76 -21.71 8.15 -1.10
CA MET A 76 -21.17 7.06 -0.32
C MET A 76 -21.60 7.08 1.14
N PRO A 77 -21.64 8.27 1.78
CA PRO A 77 -22.07 8.26 3.18
C PRO A 77 -23.43 7.56 3.38
N ASN A 78 -24.39 7.86 2.50
CA ASN A 78 -25.69 7.22 2.62
C ASN A 78 -25.62 5.72 2.32
N ALA A 79 -24.98 5.40 1.20
CA ALA A 79 -24.84 4.03 0.78
C ALA A 79 -24.09 3.17 1.79
N LEU A 80 -23.04 3.72 2.39
CA LEU A 80 -22.25 2.95 3.36
C LEU A 80 -22.69 3.16 4.82
N SER A 81 -23.85 3.77 5.00
CA SER A 81 -24.43 4.04 6.32
C SER A 81 -24.45 2.81 7.24
N ALA A 82 -25.23 1.79 6.89
CA ALA A 82 -25.31 0.57 7.73
C ALA A 82 -23.96 -0.13 8.01
N LEU A 83 -23.02 -0.05 7.07
CA LEU A 83 -21.72 -0.67 7.29
C LEU A 83 -20.87 0.13 8.26
N SER A 84 -21.06 1.46 8.31
CA SER A 84 -20.33 2.33 9.23
C SER A 84 -20.76 2.02 10.64
N ASP A 85 -22.07 1.87 10.84
CA ASP A 85 -22.62 1.53 12.17
C ASP A 85 -22.02 0.23 12.64
N LEU A 86 -22.05 -0.74 11.73
CA LEU A 86 -21.53 -2.07 12.02
C LEU A 86 -20.06 -2.02 12.42
N HIS A 87 -19.22 -1.42 11.57
CA HIS A 87 -17.78 -1.40 11.84
C HIS A 87 -17.32 -0.57 13.06
N ALA A 88 -17.93 0.60 13.27
CA ALA A 88 -17.54 1.44 14.41
C ALA A 88 -18.23 1.07 15.72
N HIS A 89 -19.57 1.06 15.72
CA HIS A 89 -20.35 0.74 16.92
C HIS A 89 -20.34 -0.70 17.39
N LYS A 90 -20.56 -1.65 16.49
CA LYS A 90 -20.61 -3.04 16.91
C LYS A 90 -19.26 -3.74 16.96
N LEU A 91 -18.51 -3.68 15.87
CA LEU A 91 -17.24 -4.37 15.86
C LEU A 91 -16.15 -3.55 16.52
N ARG A 92 -16.38 -2.25 16.68
CA ARG A 92 -15.35 -1.40 17.24
C ARG A 92 -14.03 -1.60 16.47
N VAL A 93 -14.07 -1.46 15.15
CA VAL A 93 -12.85 -1.61 14.36
C VAL A 93 -11.97 -0.36 14.42
N ASP A 94 -10.74 -0.60 14.82
CA ASP A 94 -9.71 0.43 14.96
C ASP A 94 -9.50 1.15 13.60
N PRO A 95 -9.59 2.49 13.58
CA PRO A 95 -9.42 3.29 12.36
C PRO A 95 -8.17 2.91 11.56
N VAL A 96 -7.07 2.66 12.25
CA VAL A 96 -5.87 2.29 11.54
C VAL A 96 -6.02 1.03 10.63
N ASN A 97 -6.94 0.14 11.00
CA ASN A 97 -7.12 -1.09 10.22
C ASN A 97 -7.68 -0.84 8.82
N PHE A 98 -8.41 0.26 8.66
CA PHE A 98 -8.94 0.59 7.35
C PHE A 98 -7.81 0.91 6.41
N LYS A 99 -6.76 1.53 6.93
CA LYS A 99 -5.58 1.85 6.14
C LYS A 99 -4.89 0.56 5.72
N LEU A 100 -4.79 -0.38 6.64
CA LEU A 100 -4.12 -1.63 6.37
C LEU A 100 -4.85 -2.42 5.28
N LEU A 101 -6.17 -2.54 5.38
CA LEU A 101 -6.92 -3.28 4.38
C LEU A 101 -6.85 -2.56 3.02
N SER A 102 -7.00 -1.24 3.04
CA SER A 102 -6.91 -0.44 1.82
C SER A 102 -5.57 -0.74 1.13
N HIS A 103 -4.46 -0.68 1.88
CA HIS A 103 -3.15 -1.01 1.32
C HIS A 103 -3.14 -2.43 0.66
N CYS A 104 -3.78 -3.39 1.33
CA CYS A 104 -3.82 -4.75 0.80
C CYS A 104 -4.72 -4.87 -0.44
N LEU A 105 -5.82 -4.12 -0.46
CA LEU A 105 -6.69 -4.09 -1.63
C LEU A 105 -5.93 -3.54 -2.84
N LEU A 106 -5.14 -2.48 -2.63
CA LEU A 106 -4.33 -1.88 -3.70
C LEU A 106 -3.24 -2.84 -4.19
N VAL A 107 -2.55 -3.47 -3.24
CA VAL A 107 -1.50 -4.44 -3.56
C VAL A 107 -2.07 -5.56 -4.42
N THR A 108 -3.27 -6.02 -4.07
CA THR A 108 -3.90 -7.12 -4.82
C THR A 108 -4.17 -6.72 -6.27
N LEU A 109 -4.72 -5.52 -6.46
CA LEU A 109 -5.02 -5.03 -7.80
C LEU A 109 -3.74 -4.87 -8.58
N ALA A 110 -2.71 -4.33 -7.92
CA ALA A 110 -1.45 -4.12 -8.57
C ALA A 110 -0.93 -5.44 -9.11
N ALA A 111 -1.12 -6.51 -8.32
CA ALA A 111 -0.61 -7.80 -8.72
C ALA A 111 -1.43 -8.50 -9.80
N HIS A 112 -2.60 -7.95 -10.13
CA HIS A 112 -3.50 -8.52 -11.14
C HIS A 112 -3.77 -7.64 -12.37
N LEU A 113 -3.56 -6.34 -12.25
CA LEU A 113 -3.83 -5.41 -13.34
C LEU A 113 -2.57 -4.67 -13.78
N PRO A 114 -1.60 -5.40 -14.34
CA PRO A 114 -0.33 -4.84 -14.84
C PRO A 114 -0.55 -3.57 -15.67
N ALA A 115 -1.44 -3.66 -16.64
CA ALA A 115 -1.73 -2.53 -17.51
C ALA A 115 -2.45 -1.37 -16.85
N GLU A 116 -3.49 -1.70 -16.10
CA GLU A 116 -4.31 -0.68 -15.44
C GLU A 116 -3.70 0.07 -14.24
N PHE A 117 -2.79 -0.56 -13.50
CA PHE A 117 -2.24 0.08 -12.31
C PHE A 117 -1.13 1.12 -12.56
N THR A 118 -1.46 2.13 -13.35
CA THR A 118 -0.53 3.21 -13.67
C THR A 118 -0.47 4.12 -12.44
N PRO A 119 0.53 5.01 -12.37
CA PRO A 119 0.62 5.90 -11.21
C PRO A 119 -0.69 6.67 -10.98
N ALA A 120 -1.30 7.14 -12.08
CA ALA A 120 -2.54 7.91 -12.00
C ALA A 120 -3.72 7.08 -11.45
N VAL A 121 -3.86 5.84 -11.93
CA VAL A 121 -4.95 4.98 -11.46
C VAL A 121 -4.78 4.63 -9.98
N HIS A 122 -3.52 4.41 -9.59
CA HIS A 122 -3.15 4.09 -8.23
C HIS A 122 -3.58 5.28 -7.33
N ALA A 123 -3.27 6.51 -7.76
CA ALA A 123 -3.67 7.68 -6.97
C ALA A 123 -5.18 7.75 -6.86
N SER A 124 -5.89 7.44 -7.92
CA SER A 124 -7.34 7.49 -7.89
C SER A 124 -7.95 6.42 -7.01
N LEU A 125 -7.39 5.20 -7.02
CA LEU A 125 -7.91 4.09 -6.19
C LEU A 125 -7.56 4.40 -4.76
N ASP A 126 -6.39 4.96 -4.55
CA ASP A 126 -6.01 5.30 -3.18
C ASP A 126 -7.03 6.29 -2.56
N LYS A 127 -7.41 7.30 -3.33
CA LYS A 127 -8.38 8.29 -2.84
C LYS A 127 -9.76 7.68 -2.74
N PHE A 128 -10.07 6.76 -3.63
CA PHE A 128 -11.37 6.10 -3.55
C PHE A 128 -11.42 5.33 -2.23
N LEU A 129 -10.37 4.56 -1.94
CA LEU A 129 -10.37 3.77 -0.70
C LEU A 129 -10.28 4.62 0.56
N ALA A 130 -9.60 5.75 0.47
CA ALA A 130 -9.52 6.62 1.65
C ALA A 130 -10.91 7.20 1.95
N SER A 131 -11.69 7.46 0.90
CA SER A 131 -13.06 8.01 1.05
C SER A 131 -13.94 6.95 1.72
N VAL A 132 -13.87 5.71 1.20
CA VAL A 132 -14.65 4.62 1.78
C VAL A 132 -14.30 4.48 3.25
N SER A 133 -13.00 4.41 3.55
CA SER A 133 -12.53 4.27 4.93
C SER A 133 -12.99 5.46 5.79
N THR A 134 -12.92 6.68 5.26
CA THR A 134 -13.38 7.85 6.03
C THR A 134 -14.89 7.70 6.31
N VAL A 135 -15.65 7.16 5.36
CA VAL A 135 -17.05 6.96 5.64
C VAL A 135 -17.22 5.85 6.68
N LEU A 136 -16.45 4.78 6.57
CA LEU A 136 -16.59 3.67 7.52
C LEU A 136 -16.16 4.01 8.96
N THR A 137 -15.42 5.10 9.12
CA THR A 137 -15.00 5.51 10.46
C THR A 137 -15.73 6.79 10.90
N SER A 138 -16.64 7.28 10.07
CA SER A 138 -17.34 8.53 10.39
C SER A 138 -18.18 8.42 11.65
N LYS A 139 -18.63 7.21 11.96
CA LYS A 139 -19.41 7.05 13.16
C LYS A 139 -18.61 7.32 14.43
N TYR A 140 -17.27 7.38 14.33
CA TYR A 140 -16.41 7.69 15.48
C TYR A 140 -16.31 9.22 15.65
N ARG A 141 -16.67 9.96 14.60
CA ARG A 141 -16.61 11.41 14.65
C ARG A 141 -18.03 11.97 14.83
N VAL B 1 15.39 -6.07 12.95
CA VAL B 1 14.28 -6.92 12.43
C VAL B 1 14.75 -8.36 12.26
N HIS B 2 13.94 -9.30 12.75
CA HIS B 2 14.26 -10.71 12.63
C HIS B 2 13.24 -11.45 11.78
N LEU B 3 13.69 -11.91 10.63
CA LEU B 3 12.82 -12.67 9.75
C LEU B 3 13.14 -14.13 9.91
N THR B 4 12.13 -14.97 9.80
CA THR B 4 12.35 -16.41 9.88
C THR B 4 13.01 -16.76 8.55
N PRO B 5 13.66 -17.94 8.49
CA PRO B 5 14.31 -18.35 7.23
C PRO B 5 13.39 -18.29 6.01
N GLU B 6 12.13 -18.69 6.18
CA GLU B 6 11.22 -18.66 5.04
C GLU B 6 10.88 -17.23 4.60
N GLU B 7 10.90 -16.26 5.53
CA GLU B 7 10.63 -14.84 5.20
C GLU B 7 11.85 -14.24 4.50
N LYS B 8 13.05 -14.68 4.90
CA LYS B 8 14.25 -14.16 4.25
C LYS B 8 14.30 -14.71 2.83
N SER B 9 13.95 -15.99 2.67
CA SER B 9 13.94 -16.59 1.34
C SER B 9 12.99 -15.79 0.45
N ALA B 10 11.76 -15.61 0.96
CA ALA B 10 10.72 -14.88 0.25
C ALA B 10 11.23 -13.54 -0.23
N VAL B 11 11.89 -12.81 0.66
CA VAL B 11 12.40 -11.49 0.32
C VAL B 11 13.55 -11.54 -0.66
N THR B 12 14.58 -12.32 -0.31
CA THR B 12 15.78 -12.42 -1.14
C THR B 12 15.58 -12.95 -2.56
N ALA B 13 14.73 -13.95 -2.72
CA ALA B 13 14.51 -14.50 -4.07
C ALA B 13 13.98 -13.41 -5.01
N LEU B 14 13.07 -12.59 -4.49
CA LEU B 14 12.46 -11.55 -5.30
C LEU B 14 13.43 -10.41 -5.56
N TRP B 15 14.10 -9.97 -4.50
CA TRP B 15 15.02 -8.85 -4.62
C TRP B 15 16.09 -9.01 -5.68
N GLY B 16 16.63 -10.22 -5.80
CA GLY B 16 17.65 -10.45 -6.81
C GLY B 16 17.10 -10.18 -8.19
N LYS B 17 15.79 -10.26 -8.37
CA LYS B 17 15.17 -10.01 -9.66
C LYS B 17 14.75 -8.56 -9.93
N VAL B 18 14.97 -7.70 -8.95
CA VAL B 18 14.61 -6.30 -9.10
C VAL B 18 15.55 -5.49 -9.98
N ASN B 19 14.96 -4.71 -10.88
CA ASN B 19 15.69 -3.81 -11.78
C ASN B 19 16.04 -2.59 -10.94
N VAL B 20 17.23 -2.65 -10.33
CA VAL B 20 17.71 -1.60 -9.47
C VAL B 20 17.79 -0.20 -10.09
N ASP B 21 17.68 -0.13 -11.41
CA ASP B 21 17.76 1.15 -12.09
C ASP B 21 16.42 1.83 -12.32
N GLU B 22 15.33 1.09 -12.11
CA GLU B 22 13.98 1.60 -12.33
C GLU B 22 13.01 1.60 -11.14
N VAL B 23 12.97 0.52 -10.36
CA VAL B 23 12.03 0.40 -9.24
C VAL B 23 12.12 1.51 -8.21
N GLY B 24 13.35 1.93 -7.90
CA GLY B 24 13.54 3.00 -6.94
C GLY B 24 12.85 4.29 -7.36
N GLY B 25 13.03 4.68 -8.63
CA GLY B 25 12.42 5.89 -9.17
C GLY B 25 10.92 5.76 -9.32
N GLU B 26 10.48 4.53 -9.56
CA GLU B 26 9.05 4.26 -9.68
C GLU B 26 8.43 4.39 -8.29
N ALA B 27 9.14 3.95 -7.26
CA ALA B 27 8.57 4.05 -5.93
C ALA B 27 8.48 5.53 -5.53
N LEU B 28 9.58 6.26 -5.67
CA LEU B 28 9.60 7.69 -5.33
C LEU B 28 8.57 8.48 -6.15
N GLY B 29 8.54 8.28 -7.48
CA GLY B 29 7.58 8.96 -8.31
C GLY B 29 6.14 8.74 -7.85
N ARG B 30 5.78 7.47 -7.59
CA ARG B 30 4.43 7.16 -7.15
C ARG B 30 4.15 7.81 -5.79
N LEU B 31 5.15 7.91 -4.93
CA LEU B 31 4.95 8.56 -3.64
C LEU B 31 4.57 10.05 -3.86
N LEU B 32 5.34 10.73 -4.71
CA LEU B 32 5.07 12.13 -4.99
C LEU B 32 3.71 12.31 -5.65
N VAL B 33 3.29 11.33 -6.45
CA VAL B 33 2.01 11.44 -7.13
C VAL B 33 0.80 11.07 -6.28
N VAL B 34 0.92 10.02 -5.48
CA VAL B 34 -0.18 9.55 -4.63
C VAL B 34 -0.37 10.40 -3.35
N TYR B 35 0.74 10.84 -2.80
CA TYR B 35 0.77 11.63 -1.56
C TYR B 35 1.51 12.93 -1.88
N PRO B 36 0.87 13.81 -2.64
CA PRO B 36 1.41 15.11 -3.09
C PRO B 36 2.05 16.04 -2.06
N TRP B 37 1.79 15.85 -0.78
CA TRP B 37 2.40 16.73 0.22
C TRP B 37 3.89 16.42 0.37
N THR B 38 4.29 15.24 -0.13
CA THR B 38 5.70 14.83 -0.08
C THR B 38 6.52 15.62 -1.09
N GLN B 39 5.86 16.18 -2.10
CA GLN B 39 6.51 17.00 -3.12
C GLN B 39 7.10 18.26 -2.49
N ARG B 40 6.61 18.65 -1.31
CA ARG B 40 7.11 19.85 -0.66
C ARG B 40 8.62 19.74 -0.46
N PHE B 41 9.11 18.51 -0.33
CA PHE B 41 10.55 18.29 -0.11
C PHE B 41 11.40 18.20 -1.39
N PHE B 42 10.77 18.32 -2.55
CA PHE B 42 11.52 18.23 -3.79
C PHE B 42 11.24 19.37 -4.74
N GLU B 43 11.26 20.59 -4.18
CA GLU B 43 11.04 21.79 -4.97
C GLU B 43 12.15 21.96 -6.03
N SER B 44 13.32 21.38 -5.76
CA SER B 44 14.43 21.49 -6.68
C SER B 44 14.42 20.53 -7.87
N PHE B 45 13.64 19.45 -7.77
CA PHE B 45 13.56 18.43 -8.83
C PHE B 45 12.93 18.87 -10.15
N GLY B 46 12.24 20.00 -10.15
CA GLY B 46 11.65 20.46 -11.37
C GLY B 46 10.16 20.24 -11.51
N ASP B 47 9.74 19.97 -12.74
CA ASP B 47 8.35 19.75 -13.06
C ASP B 47 7.83 18.48 -12.42
N LEU B 48 6.88 18.65 -11.50
CA LEU B 48 6.26 17.53 -10.81
C LEU B 48 4.76 17.82 -10.87
N SER B 49 4.34 18.53 -11.92
CA SER B 49 2.95 18.95 -12.09
C SER B 49 1.94 17.94 -12.62
N THR B 50 2.40 16.77 -13.02
CA THR B 50 1.49 15.72 -13.50
C THR B 50 2.15 14.39 -13.26
N PRO B 51 1.38 13.29 -13.28
CA PRO B 51 1.94 11.96 -13.08
C PRO B 51 3.08 11.71 -14.05
N ASP B 52 2.82 11.92 -15.35
CA ASP B 52 3.83 11.72 -16.38
C ASP B 52 5.07 12.57 -16.17
N ALA B 53 4.85 13.83 -15.82
CA ALA B 53 5.99 14.73 -15.59
C ALA B 53 6.81 14.15 -14.44
N VAL B 54 6.13 13.81 -13.35
CA VAL B 54 6.84 13.24 -12.20
C VAL B 54 7.59 11.97 -12.57
N MET B 55 6.86 10.98 -13.12
CA MET B 55 7.43 9.69 -13.45
C MET B 55 8.58 9.79 -14.45
N GLY B 56 8.43 10.66 -15.44
CA GLY B 56 9.48 10.82 -16.44
C GLY B 56 10.54 11.84 -16.08
N ASN B 57 10.56 12.29 -14.82
CA ASN B 57 11.54 13.29 -14.37
C ASN B 57 12.86 12.61 -14.05
N PRO B 58 13.93 13.02 -14.74
CA PRO B 58 15.28 12.48 -14.58
C PRO B 58 15.77 12.48 -13.14
N LYS B 59 15.46 13.56 -12.43
CA LYS B 59 15.87 13.68 -11.03
C LYS B 59 15.12 12.73 -10.10
N VAL B 60 13.84 12.49 -10.39
CA VAL B 60 13.07 11.57 -9.57
C VAL B 60 13.69 10.18 -9.67
N LYS B 61 13.94 9.71 -10.89
CA LYS B 61 14.54 8.38 -11.09
C LYS B 61 15.96 8.29 -10.56
N ALA B 62 16.73 9.34 -10.81
CA ALA B 62 18.10 9.37 -10.34
C ALA B 62 18.11 9.25 -8.82
N HIS B 63 17.17 9.93 -8.18
CA HIS B 63 17.11 9.90 -6.72
C HIS B 63 16.55 8.57 -6.18
N GLY B 64 15.61 7.98 -6.91
CA GLY B 64 15.04 6.71 -6.49
C GLY B 64 16.08 5.62 -6.36
N LYS B 65 17.12 5.67 -7.20
CA LYS B 65 18.16 4.65 -7.14
C LYS B 65 18.88 4.67 -5.81
N LYS B 66 19.06 5.88 -5.26
CA LYS B 66 19.72 6.02 -3.98
C LYS B 66 18.83 5.43 -2.93
N VAL B 67 17.55 5.74 -3.01
CA VAL B 67 16.59 5.19 -2.06
C VAL B 67 16.67 3.66 -2.13
N LEU B 68 16.49 3.08 -3.32
CA LEU B 68 16.56 1.61 -3.47
C LEU B 68 17.91 1.10 -2.94
N GLY B 69 18.98 1.87 -3.18
CA GLY B 69 20.28 1.48 -2.68
C GLY B 69 20.24 1.37 -1.17
N ALA B 70 19.50 2.27 -0.53
CA ALA B 70 19.35 2.28 0.92
C ALA B 70 18.62 1.02 1.40
N PHE B 71 17.53 0.64 0.72
CA PHE B 71 16.81 -0.57 1.13
C PHE B 71 17.73 -1.78 0.97
N SER B 72 18.43 -1.86 -0.15
CA SER B 72 19.33 -3.01 -0.36
C SER B 72 20.32 -3.11 0.78
N ASP B 73 20.96 -2.00 1.10
CA ASP B 73 21.92 -2.01 2.18
C ASP B 73 21.23 -2.47 3.47
N GLY B 74 19.98 -2.04 3.67
CA GLY B 74 19.26 -2.44 4.86
C GLY B 74 19.05 -3.94 4.88
N LEU B 75 18.62 -4.47 3.74
CA LEU B 75 18.38 -5.91 3.59
C LEU B 75 19.58 -6.72 4.04
N ALA B 76 20.78 -6.21 3.75
CA ALA B 76 22.01 -6.90 4.11
C ALA B 76 22.32 -6.82 5.60
N HIS B 77 21.85 -5.76 6.27
CA HIS B 77 22.10 -5.59 7.69
C HIS B 77 20.81 -5.45 8.50
N LEU B 78 19.90 -6.40 8.31
CA LEU B 78 18.61 -6.40 9.00
C LEU B 78 18.74 -6.53 10.51
N ASP B 79 19.96 -6.80 10.97
CA ASP B 79 20.24 -6.94 12.39
C ASP B 79 20.75 -5.65 12.96
N ASN B 80 21.30 -4.82 12.09
CA ASN B 80 21.79 -3.54 12.55
C ASN B 80 21.22 -2.49 11.64
N LEU B 81 19.90 -2.34 11.69
CA LEU B 81 19.25 -1.33 10.86
C LEU B 81 19.48 0.03 11.51
N LYS B 82 19.60 0.04 12.84
CA LYS B 82 19.82 1.29 13.55
C LYS B 82 21.17 1.87 13.14
N GLY B 83 22.21 1.05 13.22
CA GLY B 83 23.54 1.49 12.84
C GLY B 83 23.59 1.88 11.37
N THR B 84 23.00 1.03 10.52
CA THR B 84 22.97 1.27 9.09
C THR B 84 22.30 2.60 8.69
N PHE B 85 21.14 2.91 9.25
CA PHE B 85 20.46 4.16 8.88
C PHE B 85 20.75 5.35 9.77
N ALA B 86 21.77 5.21 10.60
CA ALA B 86 22.16 6.28 11.50
C ALA B 86 22.24 7.65 10.80
N THR B 87 23.13 7.78 9.83
CA THR B 87 23.29 9.06 9.13
C THR B 87 22.05 9.48 8.33
N LEU B 88 21.38 8.53 7.69
CA LEU B 88 20.18 8.85 6.93
C LEU B 88 19.11 9.39 7.89
N SER B 89 19.11 8.87 9.12
CA SER B 89 18.17 9.30 10.13
C SER B 89 18.41 10.78 10.45
N GLU B 90 19.65 11.12 10.79
CA GLU B 90 20.00 12.51 11.08
C GLU B 90 19.55 13.45 9.97
N LEU B 91 19.83 13.05 8.73
CA LEU B 91 19.47 13.82 7.55
C LEU B 91 17.95 14.07 7.44
N HIS B 92 17.15 13.00 7.38
CA HIS B 92 15.71 13.12 7.22
C HIS B 92 15.00 13.72 8.42
N CYS B 93 15.44 13.34 9.61
CA CYS B 93 14.83 13.85 10.83
C CYS B 93 15.33 15.23 11.25
N ASP B 94 16.62 15.38 11.53
CA ASP B 94 17.18 16.66 11.97
C ASP B 94 17.36 17.76 10.91
N LYS B 95 17.76 17.38 9.71
CA LYS B 95 17.97 18.37 8.65
C LYS B 95 16.70 18.66 7.84
N LEU B 96 16.10 17.62 7.27
CA LEU B 96 14.90 17.80 6.46
C LEU B 96 13.61 17.97 7.24
N HIS B 97 13.52 17.31 8.39
CA HIS B 97 12.33 17.36 9.22
C HIS B 97 11.14 16.71 8.52
N VAL B 98 11.35 15.50 8.02
CA VAL B 98 10.27 14.77 7.37
C VAL B 98 9.54 14.03 8.47
N ASP B 99 8.20 14.07 8.47
CA ASP B 99 7.47 13.31 9.49
C ASP B 99 7.68 11.84 9.14
N PRO B 100 8.01 11.01 10.14
CA PRO B 100 8.27 9.57 10.01
C PRO B 100 7.11 8.81 9.35
N GLU B 101 5.90 9.36 9.45
CA GLU B 101 4.76 8.67 8.82
C GLU B 101 5.09 8.41 7.34
N ASN B 102 5.78 9.36 6.74
CA ASN B 102 6.12 9.27 5.33
C ASN B 102 7.11 8.16 4.97
N PHE B 103 7.93 7.71 5.92
CA PHE B 103 8.85 6.62 5.65
C PHE B 103 7.97 5.38 5.51
N ARG B 104 6.89 5.30 6.28
CA ARG B 104 5.98 4.17 6.18
C ARG B 104 5.21 4.21 4.87
N LEU B 105 4.82 5.40 4.41
CA LEU B 105 4.12 5.52 3.14
C LEU B 105 5.06 5.04 2.00
N LEU B 106 6.30 5.51 1.99
CA LEU B 106 7.24 5.13 0.93
C LEU B 106 7.47 3.61 0.95
N GLY B 107 7.62 3.02 2.12
CA GLY B 107 7.81 1.57 2.22
C GLY B 107 6.63 0.83 1.61
N ASN B 108 5.42 1.31 1.90
CA ASN B 108 4.24 0.68 1.32
C ASN B 108 4.06 0.90 -0.16
N VAL B 109 4.45 2.07 -0.66
CA VAL B 109 4.36 2.32 -2.08
C VAL B 109 5.35 1.35 -2.74
N LEU B 110 6.53 1.18 -2.13
CA LEU B 110 7.50 0.22 -2.67
C LEU B 110 6.81 -1.14 -2.82
N VAL B 111 6.19 -1.60 -1.73
CA VAL B 111 5.47 -2.86 -1.77
C VAL B 111 4.49 -2.92 -2.94
N CYS B 112 3.80 -1.81 -3.25
CA CYS B 112 2.88 -1.83 -4.38
C CYS B 112 3.64 -1.97 -5.70
N VAL B 113 4.79 -1.30 -5.79
CA VAL B 113 5.64 -1.37 -6.98
C VAL B 113 6.09 -2.83 -7.23
N LEU B 114 6.55 -3.50 -6.17
CA LEU B 114 6.98 -4.89 -6.25
C LEU B 114 5.80 -5.79 -6.70
N ALA B 115 4.62 -5.59 -6.12
CA ALA B 115 3.47 -6.37 -6.54
C ALA B 115 3.16 -6.14 -8.05
N HIS B 116 3.28 -4.89 -8.48
CA HIS B 116 2.99 -4.55 -9.88
C HIS B 116 3.95 -5.28 -10.83
N HIS B 117 5.22 -5.23 -10.47
CA HIS B 117 6.25 -5.87 -11.24
C HIS B 117 6.21 -7.38 -11.27
N PHE B 118 5.98 -7.99 -10.11
CA PHE B 118 6.01 -9.45 -10.03
C PHE B 118 4.68 -10.19 -10.12
N GLY B 119 3.57 -9.49 -9.96
CA GLY B 119 2.27 -10.13 -10.05
C GLY B 119 2.04 -11.32 -9.14
N LYS B 120 1.51 -12.40 -9.71
CA LYS B 120 1.21 -13.61 -8.96
C LYS B 120 2.41 -14.07 -8.10
N GLU B 121 3.61 -13.71 -8.54
CA GLU B 121 4.83 -14.09 -7.83
C GLU B 121 4.98 -13.37 -6.47
N PHE B 122 4.32 -12.22 -6.31
CA PHE B 122 4.38 -11.48 -5.03
C PHE B 122 3.18 -12.00 -4.27
N THR B 123 3.31 -13.23 -3.76
CA THR B 123 2.23 -13.89 -3.01
C THR B 123 1.97 -13.18 -1.66
N PRO B 124 0.86 -13.53 -1.00
CA PRO B 124 0.54 -12.95 0.30
C PRO B 124 1.68 -13.14 1.30
N PRO B 125 2.25 -14.39 1.39
CA PRO B 125 3.36 -14.56 2.35
C PRO B 125 4.58 -13.75 1.92
N VAL B 126 4.78 -13.60 0.61
CA VAL B 126 5.95 -12.82 0.20
C VAL B 126 5.71 -11.35 0.59
N GLN B 127 4.46 -10.92 0.50
CA GLN B 127 4.18 -9.55 0.87
C GLN B 127 4.39 -9.38 2.36
N ALA B 128 3.92 -10.36 3.14
CA ALA B 128 4.04 -10.28 4.61
C ALA B 128 5.46 -10.09 5.06
N ALA B 129 6.41 -10.76 4.40
CA ALA B 129 7.83 -10.66 4.73
C ALA B 129 8.35 -9.27 4.39
N TYR B 130 7.92 -8.72 3.27
CA TYR B 130 8.35 -7.39 2.85
C TYR B 130 7.77 -6.29 3.73
N GLN B 131 6.58 -6.50 4.26
CA GLN B 131 5.97 -5.54 5.18
C GLN B 131 6.81 -5.47 6.43
N LYS B 132 7.33 -6.62 6.85
CA LYS B 132 8.19 -6.62 8.05
C LYS B 132 9.45 -5.85 7.78
N VAL B 133 9.97 -5.97 6.58
CA VAL B 133 11.19 -5.28 6.21
C VAL B 133 11.05 -3.76 6.11
N VAL B 134 9.98 -3.28 5.47
CA VAL B 134 9.81 -1.84 5.36
C VAL B 134 9.47 -1.23 6.73
N ALA B 135 8.79 -1.98 7.58
CA ALA B 135 8.47 -1.45 8.90
C ALA B 135 9.80 -1.25 9.64
N GLY B 136 10.64 -2.30 9.66
CA GLY B 136 11.92 -2.21 10.31
C GLY B 136 12.72 -1.03 9.78
N VAL B 137 12.80 -0.88 8.45
CA VAL B 137 13.52 0.25 7.84
C VAL B 137 12.90 1.61 8.26
N ALA B 138 11.59 1.73 8.15
CA ALA B 138 10.95 2.99 8.55
C ALA B 138 11.32 3.30 10.01
N ASN B 139 11.35 2.26 10.86
CA ASN B 139 11.66 2.44 12.27
C ASN B 139 13.07 2.90 12.52
N ALA B 140 14.01 2.33 11.78
CA ALA B 140 15.40 2.71 11.89
C ALA B 140 15.63 4.17 11.48
N LEU B 141 15.00 4.62 10.39
CA LEU B 141 15.14 6.00 9.93
C LEU B 141 14.55 6.97 10.94
N ALA B 142 13.54 6.53 11.65
CA ALA B 142 12.83 7.33 12.62
C ALA B 142 13.52 7.51 13.96
N HIS B 143 14.55 6.70 14.28
CA HIS B 143 15.15 6.81 15.58
C HIS B 143 15.67 8.21 16.01
N LYS B 144 16.06 9.03 15.04
CA LYS B 144 16.57 10.40 15.36
C LYS B 144 15.49 11.41 15.72
C CMO C . -14.36 -6.52 6.46
O CMO C . -13.75 -7.40 5.90
CHA HEM D . -18.06 -7.35 8.11
CHB HEM D . -17.02 -4.54 4.31
CHC HEM D . -12.98 -3.10 6.59
CHD HEM D . -13.68 -6.33 10.16
C1A HEM D . -18.10 -6.72 6.87
C2A HEM D . -19.15 -6.88 5.85
C3A HEM D . -18.89 -6.12 4.77
C4A HEM D . -17.63 -5.43 5.15
CMA HEM D . -19.71 -5.89 3.48
CAA HEM D . -20.28 -7.82 6.02
CBA HEM D . -21.52 -7.15 6.56
CGA HEM D . -22.61 -8.16 6.75
O1A HEM D . -23.71 -7.78 7.19
O2A HEM D . -22.33 -9.35 6.46
C1B HEM D . -15.79 -3.91 4.59
C2B HEM D . -15.19 -2.89 3.76
C3B HEM D . -14.11 -2.41 4.43
C4B HEM D . -14.06 -3.17 5.72
CMB HEM D . -15.73 -2.37 2.45
CAB HEM D . -13.21 -1.34 4.06
CBB HEM D . -12.62 -1.33 2.80
C1C HEM D . -12.77 -3.95 7.71
C2C HEM D . -11.57 -3.91 8.55
C3C HEM D . -11.78 -4.81 9.62
C4C HEM D . -13.07 -5.39 9.35
CMC HEM D . -10.47 -2.90 8.35
CAC HEM D . -10.96 -5.14 10.75
CBC HEM D . -9.59 -5.35 10.62
C1D HEM D . -14.93 -6.85 9.92
C2D HEM D . -15.54 -7.91 10.70
C3D HEM D . -16.73 -8.20 10.09
C4D HEM D . -16.90 -7.36 8.97
CMD HEM D . -14.89 -8.64 11.89
CAD HEM D . -17.78 -9.19 10.60
CBD HEM D . -17.28 -10.62 10.37
CGD HEM D . -18.25 -11.66 10.92
O1D HEM D . -18.39 -11.74 12.16
O2D HEM D . -18.87 -12.38 10.14
NA HEM D . -17.13 -5.87 6.39
NB HEM D . -15.08 -4.04 5.81
NC HEM D . -13.67 -4.85 8.20
ND HEM D . -15.75 -6.57 8.83
FE HEM D . -15.42 -5.32 7.33
C2 2JX E . -1.84 9.83 5.39
N3 2JX E . -2.11 8.49 5.52
S1 2JX E . -0.77 10.39 6.69
C4 2JX E . -2.92 8.31 4.43
N5 2JX E . -3.16 9.30 3.69
N6 2JX E . -2.39 10.36 4.37
C7 2JX E . -3.47 6.89 4.21
C8 2JX E . -3.16 5.84 5.11
O9 2JX E . -2.52 4.61 4.62
C10 2JX E . -3.08 4.17 3.34
C11 2JX E . -3.31 5.16 2.35
O12 2JX E . -2.96 6.49 2.70
C13 2JX E . -3.83 4.83 1.15
C14 2JX E . -4.17 3.44 0.81
C15 2JX E . -3.96 2.41 1.81
C16 2JX E . -3.40 2.78 3.09
C2 2JX F . -10.39 8.49 12.31
N3 2JX F . -10.89 8.02 11.10
S1 2JX F . -11.69 9.13 13.34
C4 2JX F . -9.71 7.60 10.52
N5 2JX F . -8.65 7.74 11.18
N6 2JX F . -9.13 8.35 12.41
C7 2JX F . -9.75 6.97 9.12
C8 2JX F . -9.30 5.64 8.99
O9 2JX F . -8.76 5.14 7.73
C10 2JX F . -8.21 6.13 6.76
C11 2JX F . -8.23 7.58 7.04
O12 2JX F . -8.78 8.04 8.31
C13 2JX F . -7.72 8.49 6.11
C14 2JX F . -7.16 8.03 4.84
C15 2JX F . -7.14 6.59 4.55
C16 2JX F . -7.68 5.64 5.51
C MBN G . -10.34 -2.03 -4.79
C1 MBN G . -10.66 -3.51 -4.83
C2 MBN G . -9.61 -4.46 -4.84
C3 MBN G . -9.90 -5.86 -4.88
C4 MBN G . -11.25 -6.30 -4.91
C5 MBN G . -12.31 -5.35 -4.90
C6 MBN G . -12.01 -3.96 -4.86
C MBN H . -10.95 -1.98 -8.79
C1 MBN H . -12.33 -1.99 -8.18
C2 MBN H . -13.09 -3.20 -8.19
C3 MBN H . -14.40 -3.21 -7.61
C4 MBN H . -14.93 -2.03 -7.02
C5 MBN H . -14.16 -0.83 -7.01
C6 MBN H . -12.87 -0.81 -7.59
C CMO I . 14.30 10.04 -0.23
O CMO I . 13.69 9.93 -1.28
CHA HEM J . 17.70 11.96 0.43
CHB HEM J . 16.81 7.29 1.55
CHC HEM J . 12.27 8.62 2.72
CHD HEM J . 13.07 13.21 1.35
C1A HEM J . 17.85 10.59 0.62
C2A HEM J . 19.03 9.89 0.43
C3A HEM J . 18.82 8.58 0.71
C4A HEM J . 17.43 8.46 1.05
CMA HEM J . 19.80 7.44 0.59
CAA HEM J . 20.24 10.49 -0.19
CBA HEM J . 21.26 10.78 0.88
CGA HEM J . 22.52 11.40 0.33
O1A HEM J . 23.56 11.24 0.99
O2A HEM J . 22.45 12.05 -0.75
C1B HEM J . 15.47 7.25 1.96
C2B HEM J . 14.83 6.04 2.49
C3B HEM J . 13.54 6.40 2.79
C4B HEM J . 13.41 7.86 2.48
CMB HEM J . 15.36 4.58 2.57
CAB HEM J . 12.58 5.43 2.99
CBB HEM J . 11.78 5.19 4.10
C1C HEM J . 12.09 9.97 2.48
C2C HEM J . 10.78 10.64 2.47
C3C HEM J . 11.05 11.96 2.20
C4C HEM J . 12.47 12.07 1.91
CMC HEM J . 9.45 9.93 2.66
CAC HEM J . 10.18 13.06 2.22
CBC HEM J . 8.96 13.16 1.45
C1D HEM J . 14.41 13.27 0.89
C2D HEM J . 15.07 14.49 0.48
C3D HEM J . 16.35 14.09 0.25
C4D HEM J . 16.49 12.68 0.51
CMD HEM J . 14.49 15.88 0.16
CAD HEM J . 17.42 14.94 -0.41
CBD HEM J . 18.45 15.45 0.56
CGD HEM J . 19.41 16.43 -0.09
O1D HEM J . 20.02 16.05 -1.14
O2D HEM J . 19.56 17.57 0.44
NA HEM J . 16.84 9.71 1.00
NB HEM J . 14.58 8.34 1.98
NC HEM J . 13.10 10.82 2.07
ND HEM J . 15.28 12.16 0.89
FE HEM J . 14.97 10.24 1.49
C2 2JX K . 11.97 11.36 13.20
N3 2JX K . 11.37 12.55 13.59
S1 2JX K . 12.49 11.44 11.51
C4 2JX K . 11.09 12.21 14.90
N5 2JX K . 11.41 11.08 15.29
N6 2JX K . 12.01 10.51 14.12
C7 2JX K . 10.39 13.21 15.83
C8 2JX K . 11.15 14.06 16.62
O9 2JX K . 10.47 14.93 17.59
C10 2JX K . 9.22 14.32 18.20
C11 2JX K . 8.74 12.97 17.81
O12 2JX K . 9.49 12.23 16.81
C13 2JX K . 7.59 12.43 18.38
C14 2JX K . 6.85 13.17 19.38
C15 2JX K . 7.30 14.51 19.78
C16 2JX K . 8.50 15.08 19.18
C2 2JX L . -0.17 1.72 -1.65
N3 2JX L . -0.30 1.42 -0.22
S1 2JX L . -0.58 0.30 -2.72
C4 2JX L . 0.05 2.71 0.28
N5 2JX L . 0.34 3.60 -0.57
N6 2JX L . 0.20 2.93 -1.86
C7 2JX L . 0.11 3.19 1.80
C8 2JX L . 1.14 3.87 2.35
O9 2JX L . 0.80 4.52 3.65
C10 2JX L . 0.41 3.56 4.70
C11 2JX L . -0.15 2.25 4.30
O12 2JX L . -0.29 1.93 2.83
C13 2JX L . -0.51 1.32 5.29
C14 2JX L . -0.36 1.66 6.71
C15 2JX L . 0.19 2.97 7.11
C16 2JX L . 0.57 3.94 6.09
#